data_8AVJ
#
_entry.id   8AVJ
#
_cell.length_a   116.697
_cell.length_b   116.697
_cell.length_c   147.889
_cell.angle_alpha   90.00
_cell.angle_beta   90.00
_cell.angle_gamma   120.00
#
_symmetry.space_group_name_H-M   'P 32 2 1'
#
loop_
_entity.id
_entity.type
_entity.pdbx_description
1 polymer agroavCH
2 non-polymer 1,2-ETHANEDIOL
3 water water
#
_entity_poly.entity_id   1
_entity_poly.type   'polypeptide(L)'
_entity_poly.pdbx_seq_one_letter_code
;MTDFDSLSGTSTTWVNELGSVMTIDVDRKGGVTGYYVNNAPGTGCRGLPYDLSGHAHGSTIAFSVVWSNGIADCRSATSW
AGYARKTFGGGVQIVTQWSLAFVGKAGGKIETGQNVFTYQAATVSESLLTE
;
_entity_poly.pdbx_strand_id   A,B,C,D,E
#
# COMPACT_ATOMS: atom_id res chain seq x y z
N ASP A 3 -10.21 -36.17 -21.16
CA ASP A 3 -10.92 -34.97 -21.64
C ASP A 3 -10.40 -33.71 -20.92
N PHE A 4 -9.88 -32.75 -21.69
CA PHE A 4 -9.27 -31.47 -21.23
C PHE A 4 -10.30 -30.36 -21.03
N ASP A 5 -11.55 -30.54 -21.46
CA ASP A 5 -12.63 -29.52 -21.24
C ASP A 5 -13.01 -29.50 -19.75
N SER A 6 -12.77 -30.59 -19.03
CA SER A 6 -12.90 -30.64 -17.55
C SER A 6 -11.80 -29.79 -16.89
N LEU A 7 -10.78 -29.33 -17.64
CA LEU A 7 -9.72 -28.42 -17.12
C LEU A 7 -10.10 -26.95 -17.32
N SER A 8 -11.21 -26.59 -17.99
CA SER A 8 -11.72 -25.18 -18.09
C SER A 8 -11.63 -24.49 -16.73
N GLY A 9 -11.02 -23.31 -16.69
CA GLY A 9 -10.93 -22.48 -15.47
C GLY A 9 -9.97 -23.03 -14.41
N THR A 10 -9.15 -24.06 -14.73
CA THR A 10 -8.19 -24.68 -13.75
C THR A 10 -6.75 -24.32 -14.13
N SER A 11 -5.88 -24.40 -13.12
CA SER A 11 -4.39 -24.39 -13.18
C SER A 11 -3.85 -25.75 -12.72
N THR A 12 -3.11 -26.49 -13.55
CA THR A 12 -2.71 -27.90 -13.26
C THR A 12 -1.22 -28.06 -13.56
N THR A 13 -0.50 -28.83 -12.74
CA THR A 13 0.94 -29.09 -12.88
C THR A 13 1.14 -30.54 -13.35
N TRP A 14 2.10 -30.74 -14.23
CA TRP A 14 2.35 -32.01 -14.96
C TRP A 14 3.84 -32.21 -15.02
N VAL A 15 4.26 -33.44 -14.83
CA VAL A 15 5.70 -33.81 -14.88
C VAL A 15 5.87 -34.91 -15.93
N ASN A 16 7.00 -34.91 -16.62
CA ASN A 16 7.31 -35.93 -17.64
C ASN A 16 8.37 -36.87 -17.06
N GLU A 17 8.78 -37.85 -17.85
CA GLU A 17 9.69 -38.95 -17.43
C GLU A 17 11.09 -38.39 -17.14
N LEU A 18 11.39 -37.17 -17.61
CA LEU A 18 12.72 -36.58 -17.39
C LEU A 18 12.66 -35.65 -16.19
N GLY A 19 11.49 -35.46 -15.58
CA GLY A 19 11.39 -34.58 -14.41
C GLY A 19 11.13 -33.14 -14.83
N SER A 20 10.94 -32.87 -16.13
CA SER A 20 10.50 -31.52 -16.57
C SER A 20 9.06 -31.31 -16.11
N VAL A 21 8.74 -30.11 -15.68
CA VAL A 21 7.41 -29.79 -15.15
C VAL A 21 6.79 -28.62 -15.89
N MET A 22 5.53 -28.72 -16.27
CA MET A 22 4.76 -27.57 -16.77
C MET A 22 3.56 -27.30 -15.86
N THR A 23 3.18 -26.03 -15.77
CA THR A 23 1.93 -25.57 -15.12
C THR A 23 1.10 -24.86 -16.17
N ILE A 24 -0.10 -25.35 -16.41
CA ILE A 24 -0.95 -24.89 -17.54
C ILE A 24 -2.28 -24.40 -17.00
N ASP A 25 -2.75 -23.31 -17.58
CA ASP A 25 -4.04 -22.63 -17.29
C ASP A 25 -4.87 -22.85 -18.55
N VAL A 26 -5.95 -23.59 -18.43
CA VAL A 26 -6.86 -23.82 -19.58
C VAL A 26 -8.06 -22.93 -19.36
N ASP A 27 -8.40 -22.09 -20.32
CA ASP A 27 -9.54 -21.14 -20.19
C ASP A 27 -10.79 -21.87 -20.70
N ARG A 28 -11.94 -21.22 -20.58
CA ARG A 28 -13.27 -21.81 -20.86
C ARG A 28 -13.35 -22.10 -22.36
N LYS A 29 -12.49 -21.48 -23.17
CA LYS A 29 -12.47 -21.70 -24.63
C LYS A 29 -11.36 -22.70 -25.02
N GLY A 30 -10.61 -23.25 -24.05
CA GLY A 30 -9.56 -24.24 -24.33
C GLY A 30 -8.19 -23.61 -24.64
N GLY A 31 -8.08 -22.27 -24.59
CA GLY A 31 -6.81 -21.52 -24.61
C GLY A 31 -5.88 -21.97 -23.48
N VAL A 32 -4.65 -22.37 -23.79
CA VAL A 32 -3.65 -22.83 -22.80
C VAL A 32 -2.53 -21.80 -22.69
N THR A 33 -2.24 -21.41 -21.46
CA THR A 33 -1.07 -20.58 -21.07
C THR A 33 -0.44 -21.20 -19.83
N GLY A 34 0.77 -20.79 -19.52
CA GLY A 34 1.49 -21.21 -18.31
C GLY A 34 2.95 -21.21 -18.60
N TYR A 35 3.69 -22.10 -17.98
CA TYR A 35 5.16 -22.11 -18.11
C TYR A 35 5.61 -23.54 -18.02
N TYR A 36 6.83 -23.72 -18.49
CA TYR A 36 7.56 -25.00 -18.57
C TYR A 36 8.87 -24.79 -17.87
N VAL A 37 9.23 -25.74 -17.02
CA VAL A 37 10.57 -25.79 -16.44
C VAL A 37 11.25 -27.07 -16.97
N ASN A 38 12.34 -26.87 -17.66
CA ASN A 38 13.06 -27.92 -18.38
C ASN A 38 14.04 -28.59 -17.41
N ASN A 39 14.11 -29.92 -17.44
CA ASN A 39 15.09 -30.73 -16.66
C ASN A 39 15.84 -31.71 -17.56
N ALA A 40 15.72 -31.62 -18.89
CA ALA A 40 16.26 -32.70 -19.77
C ALA A 40 17.79 -32.70 -19.67
N PRO A 41 18.41 -33.89 -19.47
CA PRO A 41 19.87 -34.03 -19.42
C PRO A 41 20.52 -33.52 -20.70
N GLY A 42 21.64 -32.81 -20.57
CA GLY A 42 22.44 -32.30 -21.69
C GLY A 42 21.80 -31.10 -22.37
N THR A 43 20.74 -30.52 -21.83
CA THR A 43 20.11 -29.32 -22.44
C THR A 43 20.51 -28.10 -21.62
N GLY A 44 20.55 -26.92 -22.27
CA GLY A 44 20.59 -25.64 -21.58
C GLY A 44 19.19 -25.22 -21.15
N CYS A 45 19.01 -23.96 -20.73
CA CYS A 45 17.68 -23.43 -20.38
C CYS A 45 16.98 -24.36 -19.37
N ARG A 46 17.70 -24.77 -18.33
CA ARG A 46 17.20 -25.72 -17.31
C ARG A 46 16.86 -24.95 -16.02
N GLY A 47 15.79 -25.33 -15.33
CA GLY A 47 15.54 -24.93 -13.92
C GLY A 47 14.73 -23.65 -13.78
N LEU A 48 14.31 -23.00 -14.88
CA LEU A 48 13.67 -21.67 -14.81
C LEU A 48 12.49 -21.69 -15.74
N PRO A 49 11.45 -20.91 -15.44
CA PRO A 49 10.24 -20.93 -16.24
C PRO A 49 10.43 -20.30 -17.64
N TYR A 50 9.82 -20.90 -18.64
CA TYR A 50 9.67 -20.37 -20.01
C TYR A 50 8.20 -20.40 -20.24
N ASP A 51 7.69 -19.36 -20.87
CA ASP A 51 6.26 -19.20 -21.22
C ASP A 51 5.85 -20.33 -22.14
N LEU A 52 4.60 -20.77 -22.04
CA LEU A 52 4.08 -21.87 -22.85
C LEU A 52 2.71 -21.41 -23.31
N SER A 53 2.31 -21.75 -24.52
CA SER A 53 0.94 -21.43 -24.96
C SER A 53 0.52 -22.52 -25.92
N GLY A 54 -0.77 -22.70 -26.03
CA GLY A 54 -1.34 -23.63 -27.01
C GLY A 54 -2.82 -23.73 -26.82
N HIS A 55 -3.37 -24.88 -27.18
CA HIS A 55 -4.83 -25.07 -27.14
C HIS A 55 -5.14 -26.52 -26.78
N ALA A 56 -6.28 -26.75 -26.16
CA ALA A 56 -6.75 -28.08 -25.71
C ALA A 56 -8.25 -28.19 -26.04
N HIS A 57 -8.70 -29.35 -26.51
CA HIS A 57 -10.13 -29.59 -26.76
C HIS A 57 -10.37 -31.10 -26.75
N GLY A 58 -11.42 -31.53 -26.05
CA GLY A 58 -11.71 -32.97 -25.94
C GLY A 58 -10.49 -33.70 -25.40
N SER A 59 -9.98 -34.66 -26.15
CA SER A 59 -8.87 -35.54 -25.73
C SER A 59 -7.51 -35.11 -26.32
N THR A 60 -7.40 -33.93 -26.94
CA THR A 60 -6.09 -33.56 -27.55
C THR A 60 -5.68 -32.17 -27.09
N ILE A 61 -4.38 -31.95 -27.11
CA ILE A 61 -3.74 -30.67 -26.71
C ILE A 61 -2.53 -30.47 -27.62
N ALA A 62 -2.15 -29.21 -27.84
CA ALA A 62 -0.91 -28.81 -28.56
C ALA A 62 -0.39 -27.55 -27.88
N PHE A 63 0.89 -27.52 -27.62
CA PHE A 63 1.49 -26.36 -26.93
C PHE A 63 2.93 -26.22 -27.39
N SER A 64 3.50 -25.08 -27.10
CA SER A 64 4.79 -24.62 -27.62
C SER A 64 5.49 -23.85 -26.53
N VAL A 65 6.81 -23.87 -26.61
CA VAL A 65 7.75 -23.09 -25.80
C VAL A 65 8.85 -22.61 -26.73
N VAL A 66 9.11 -21.32 -26.73
CA VAL A 66 10.37 -20.76 -27.27
C VAL A 66 11.35 -20.64 -26.12
N TRP A 67 12.57 -21.14 -26.30
CA TRP A 67 13.60 -21.19 -25.23
C TRP A 67 14.34 -19.86 -25.12
N SER A 68 13.58 -18.80 -24.87
CA SER A 68 14.10 -17.46 -24.53
C SER A 68 13.20 -16.84 -23.46
N ASN A 69 13.73 -16.50 -22.31
CA ASN A 69 12.89 -15.91 -21.23
C ASN A 69 13.51 -14.66 -20.65
N GLY A 70 14.62 -14.17 -21.22
CA GLY A 70 15.32 -12.96 -20.79
C GLY A 70 16.49 -13.33 -19.93
N ILE A 71 16.61 -14.59 -19.54
CA ILE A 71 17.68 -15.05 -18.62
C ILE A 71 18.64 -15.94 -19.40
N ALA A 72 18.09 -16.92 -20.13
CA ALA A 72 18.87 -17.89 -20.93
C ALA A 72 18.10 -18.14 -22.21
N ASP A 73 18.73 -17.78 -23.33
CA ASP A 73 18.21 -17.89 -24.71
C ASP A 73 18.96 -19.06 -25.36
N CYS A 74 18.29 -20.19 -25.59
CA CYS A 74 18.94 -21.34 -26.27
C CYS A 74 18.61 -21.33 -27.77
N ARG A 75 18.00 -20.26 -28.29
CA ARG A 75 17.81 -20.09 -29.77
C ARG A 75 17.11 -21.32 -30.33
N SER A 76 16.04 -21.72 -29.67
CA SER A 76 15.35 -22.99 -29.99
C SER A 76 13.87 -22.85 -29.70
N ALA A 77 13.08 -23.77 -30.24
CA ALA A 77 11.63 -23.80 -30.00
C ALA A 77 11.19 -25.26 -29.97
N THR A 78 10.31 -25.59 -29.03
CA THR A 78 9.75 -26.95 -28.92
C THR A 78 8.26 -26.82 -29.05
N SER A 79 7.64 -27.72 -29.78
CA SER A 79 6.19 -27.81 -29.74
C SER A 79 5.83 -29.28 -29.49
N TRP A 80 4.71 -29.47 -28.81
CA TRP A 80 4.17 -30.79 -28.44
C TRP A 80 2.77 -30.92 -29.01
N ALA A 81 2.43 -32.11 -29.44
CA ALA A 81 1.03 -32.48 -29.66
C ALA A 81 0.81 -33.74 -28.86
N GLY A 82 -0.36 -33.88 -28.26
CA GLY A 82 -0.59 -35.08 -27.43
C GLY A 82 -2.05 -35.39 -27.25
N TYR A 83 -2.31 -36.58 -26.70
CA TYR A 83 -3.67 -37.02 -26.33
C TYR A 83 -3.69 -37.39 -24.84
N ALA A 84 -4.86 -37.25 -24.27
CA ALA A 84 -5.17 -37.52 -22.85
C ALA A 84 -5.36 -39.04 -22.76
N ARG A 85 -4.78 -39.65 -21.75
CA ARG A 85 -4.91 -41.12 -21.47
C ARG A 85 -5.21 -41.24 -19.96
N LYS A 86 -6.41 -41.68 -19.63
CA LYS A 86 -6.87 -41.95 -18.23
C LYS A 86 -6.04 -43.13 -17.67
N THR A 87 -5.45 -42.94 -16.48
CA THR A 87 -4.67 -44.04 -15.86
C THR A 87 -5.61 -44.86 -14.93
N PHE A 88 -5.45 -46.19 -14.94
CA PHE A 88 -6.02 -47.09 -13.92
C PHE A 88 -6.11 -46.29 -12.62
N GLY A 89 -7.34 -46.01 -12.17
CA GLY A 89 -7.67 -45.48 -10.83
C GLY A 89 -7.81 -43.96 -10.73
N GLY A 90 -8.28 -43.25 -11.76
CA GLY A 90 -8.65 -41.81 -11.64
C GLY A 90 -7.52 -40.80 -11.96
N GLY A 91 -6.31 -41.25 -12.30
CA GLY A 91 -5.17 -40.42 -12.76
C GLY A 91 -5.31 -39.91 -14.22
N VAL A 92 -4.39 -39.07 -14.68
CA VAL A 92 -4.43 -38.61 -16.11
C VAL A 92 -3.02 -38.26 -16.57
N GLN A 93 -2.78 -38.73 -17.79
CA GLN A 93 -1.51 -38.58 -18.51
C GLN A 93 -1.77 -37.90 -19.87
N ILE A 94 -0.77 -37.14 -20.28
CA ILE A 94 -0.70 -36.62 -21.68
C ILE A 94 0.44 -37.35 -22.35
N VAL A 95 0.10 -38.10 -23.38
CA VAL A 95 1.05 -38.79 -24.27
C VAL A 95 1.35 -37.82 -25.42
N THR A 96 2.60 -37.38 -25.55
CA THR A 96 2.97 -36.31 -26.50
C THR A 96 4.08 -36.75 -27.42
N GLN A 97 4.07 -36.15 -28.60
CA GLN A 97 5.23 -36.11 -29.51
C GLN A 97 5.70 -34.66 -29.56
N TRP A 98 6.99 -34.44 -29.40
CA TRP A 98 7.61 -33.10 -29.49
C TRP A 98 8.51 -32.99 -30.74
N SER A 99 8.70 -31.76 -31.14
CA SER A 99 9.66 -31.34 -32.18
C SER A 99 10.41 -30.15 -31.63
N LEU A 100 11.74 -30.23 -31.73
CA LEU A 100 12.72 -29.20 -31.33
C LEU A 100 13.42 -28.65 -32.58
N ALA A 101 13.27 -27.35 -32.84
CA ALA A 101 13.95 -26.66 -33.95
C ALA A 101 15.03 -25.74 -33.35
N PHE A 102 16.23 -25.81 -33.91
CA PHE A 102 17.34 -24.93 -33.50
C PHE A 102 18.23 -24.65 -34.70
N VAL A 103 19.17 -23.73 -34.57
CA VAL A 103 20.13 -23.44 -35.68
C VAL A 103 21.56 -23.64 -35.16
N GLY A 104 22.23 -24.68 -35.64
CA GLY A 104 23.63 -25.00 -35.30
C GLY A 104 24.62 -24.43 -36.31
N LYS A 105 25.88 -24.85 -36.22
CA LYS A 105 26.97 -24.43 -37.14
C LYS A 105 26.60 -24.83 -38.58
N ALA A 106 26.07 -26.04 -38.79
CA ALA A 106 25.67 -26.53 -40.14
C ALA A 106 24.22 -26.14 -40.46
N GLY A 107 23.68 -25.05 -39.86
CA GLY A 107 22.36 -24.49 -40.18
C GLY A 107 21.23 -25.11 -39.32
N GLY A 108 19.99 -24.98 -39.79
CA GLY A 108 18.78 -25.39 -39.08
C GLY A 108 18.76 -26.89 -38.88
N LYS A 109 18.29 -27.34 -37.73
CA LYS A 109 18.07 -28.79 -37.46
C LYS A 109 16.77 -28.94 -36.69
N ILE A 110 16.17 -30.11 -36.84
CA ILE A 110 14.95 -30.48 -36.09
C ILE A 110 15.06 -31.90 -35.56
N GLU A 111 14.80 -32.07 -34.27
CA GLU A 111 14.78 -33.37 -33.60
C GLU A 111 13.38 -33.60 -33.08
N THR A 112 13.04 -34.86 -32.84
CA THR A 112 11.69 -35.22 -32.39
C THR A 112 11.82 -36.36 -31.39
N GLY A 113 10.79 -36.55 -30.60
CA GLY A 113 10.77 -37.58 -29.54
C GLY A 113 9.44 -37.53 -28.85
N GLN A 114 9.34 -38.31 -27.76
CA GLN A 114 8.08 -38.58 -27.03
C GLN A 114 8.31 -38.11 -25.60
N ASN A 115 7.27 -37.59 -24.99
CA ASN A 115 7.27 -37.30 -23.55
C ASN A 115 5.89 -37.75 -23.05
N VAL A 116 5.86 -38.33 -21.85
CA VAL A 116 4.56 -38.61 -21.15
C VAL A 116 4.51 -37.75 -19.92
N PHE A 117 3.49 -36.89 -19.85
CA PHE A 117 3.23 -36.02 -18.69
C PHE A 117 2.22 -36.68 -17.74
N THR A 118 2.50 -36.59 -16.44
CA THR A 118 1.57 -37.05 -15.39
C THR A 118 1.14 -35.85 -14.54
N TYR A 119 -0.16 -35.76 -14.35
CA TYR A 119 -0.85 -34.79 -13.47
C TYR A 119 -0.40 -35.01 -12.04
N GLN A 120 0.02 -33.92 -11.41
CA GLN A 120 0.50 -33.84 -10.02
C GLN A 120 -0.37 -32.83 -9.29
N ALA A 121 -1.22 -33.27 -8.38
CA ALA A 121 -2.07 -32.38 -7.55
C ALA A 121 -1.20 -31.55 -6.60
N ALA A 122 -1.73 -30.45 -6.13
CA ALA A 122 -1.03 -29.57 -5.19
C ALA A 122 -0.71 -30.35 -3.90
N THR A 123 0.37 -29.98 -3.24
CA THR A 123 0.82 -30.53 -1.94
C THR A 123 0.95 -29.41 -0.90
N VAL A 124 0.95 -29.83 0.36
CA VAL A 124 1.06 -28.99 1.57
C VAL A 124 2.10 -29.67 2.45
N SER A 125 3.20 -29.00 2.76
CA SER A 125 4.22 -29.43 3.75
C SER A 125 3.90 -28.76 5.10
N GLU A 126 4.44 -29.32 6.19
CA GLU A 126 4.34 -28.74 7.55
C GLU A 126 5.06 -27.38 7.60
N SER A 127 6.30 -27.32 7.10
CA SER A 127 7.15 -26.10 7.02
C SER A 127 8.07 -26.18 5.79
N LEU A 128 8.80 -25.11 5.51
CA LEU A 128 9.85 -25.09 4.46
C LEU A 128 10.97 -26.06 4.86
N LEU A 129 11.07 -26.45 6.14
CA LEU A 129 12.21 -27.28 6.66
C LEU A 129 11.80 -28.75 6.78
N THR A 130 10.52 -29.08 7.02
CA THR A 130 10.08 -30.48 7.28
C THR A 130 8.78 -30.76 6.50
N GLU A 131 8.78 -31.88 5.75
CA GLU A 131 7.97 -32.11 4.52
C GLU A 131 6.71 -32.90 4.90
N ASP B 3 -26.47 12.11 14.21
CA ASP B 3 -25.79 11.10 13.39
C ASP B 3 -25.73 11.56 11.92
N PHE B 4 -24.56 11.99 11.47
CA PHE B 4 -24.30 12.29 10.03
C PHE B 4 -24.08 10.99 9.27
N ASP B 5 -23.95 9.84 9.97
CA ASP B 5 -23.84 8.49 9.31
C ASP B 5 -25.15 8.18 8.58
N SER B 6 -26.29 8.60 9.15
CA SER B 6 -27.65 8.41 8.59
C SER B 6 -27.84 9.25 7.31
N LEU B 7 -26.93 10.19 6.99
CA LEU B 7 -27.01 11.05 5.77
C LEU B 7 -26.28 10.38 4.58
N SER B 8 -25.66 9.21 4.80
CA SER B 8 -25.03 8.35 3.76
C SER B 8 -25.96 8.26 2.53
N GLY B 9 -25.48 8.65 1.34
CA GLY B 9 -26.22 8.62 0.06
C GLY B 9 -27.28 9.72 -0.07
N THR B 10 -27.42 10.61 0.92
CA THR B 10 -28.41 11.73 0.92
C THR B 10 -27.72 13.04 0.48
N SER B 11 -28.53 13.90 -0.14
CA SER B 11 -28.32 15.37 -0.28
C SER B 11 -29.25 16.08 0.72
N THR B 12 -28.72 17.01 1.52
CA THR B 12 -29.49 17.76 2.55
C THR B 12 -29.12 19.23 2.43
N THR B 13 -30.08 20.12 2.68
CA THR B 13 -29.88 21.58 2.60
C THR B 13 -30.10 22.19 3.99
N TRP B 14 -29.22 23.12 4.35
CA TRP B 14 -29.17 23.70 5.70
C TRP B 14 -28.99 25.21 5.57
N VAL B 15 -29.70 25.96 6.40
CA VAL B 15 -29.76 27.42 6.29
C VAL B 15 -29.42 28.01 7.64
N ASN B 16 -28.63 29.07 7.62
CA ASN B 16 -28.13 29.67 8.87
C ASN B 16 -28.93 30.94 9.08
N GLU B 17 -28.66 31.64 10.17
CA GLU B 17 -29.54 32.70 10.69
C GLU B 17 -29.44 33.92 9.78
N LEU B 18 -28.43 34.01 8.88
CA LEU B 18 -28.30 35.09 7.89
C LEU B 18 -28.87 34.69 6.51
N GLY B 19 -29.49 33.53 6.38
CA GLY B 19 -30.03 33.07 5.08
C GLY B 19 -28.99 32.38 4.20
N SER B 20 -27.75 32.16 4.66
CA SER B 20 -26.72 31.46 3.85
C SER B 20 -27.13 30.00 3.79
N VAL B 21 -26.84 29.32 2.68
CA VAL B 21 -27.31 27.93 2.48
C VAL B 21 -26.11 27.03 2.17
N MET B 22 -26.13 25.82 2.70
CA MET B 22 -25.21 24.72 2.30
C MET B 22 -26.09 23.53 1.90
N THR B 23 -25.73 22.96 0.78
CA THR B 23 -26.32 21.70 0.28
C THR B 23 -25.19 20.69 0.22
N ILE B 24 -25.31 19.63 1.00
CA ILE B 24 -24.21 18.67 1.15
C ILE B 24 -24.68 17.27 0.77
N ASP B 25 -23.72 16.50 0.25
CA ASP B 25 -23.85 15.06 -0.06
C ASP B 25 -22.84 14.40 0.84
N VAL B 26 -23.31 13.49 1.69
CA VAL B 26 -22.42 12.66 2.55
C VAL B 26 -22.38 11.26 1.93
N ASP B 27 -21.21 10.80 1.57
CA ASP B 27 -21.06 9.44 1.00
C ASP B 27 -20.92 8.46 2.18
N ARG B 28 -20.78 7.18 1.86
CA ARG B 28 -20.86 6.09 2.85
C ARG B 28 -19.59 6.10 3.71
N LYS B 29 -18.52 6.80 3.32
CA LYS B 29 -17.30 6.94 4.20
C LYS B 29 -17.34 8.25 5.00
N GLY B 30 -18.37 9.07 4.85
CA GLY B 30 -18.54 10.34 5.56
C GLY B 30 -17.95 11.51 4.79
N GLY B 31 -17.49 11.30 3.55
CA GLY B 31 -16.97 12.37 2.68
C GLY B 31 -18.07 13.37 2.36
N VAL B 32 -17.79 14.67 2.50
CA VAL B 32 -18.80 15.73 2.31
C VAL B 32 -18.39 16.53 1.07
N THR B 33 -19.30 16.64 0.12
CA THR B 33 -19.13 17.53 -1.07
C THR B 33 -20.42 18.29 -1.21
N GLY B 34 -20.45 19.30 -2.06
CA GLY B 34 -21.65 20.12 -2.30
C GLY B 34 -21.27 21.55 -2.49
N TYR B 35 -22.15 22.45 -2.10
CA TYR B 35 -21.96 23.89 -2.37
C TYR B 35 -22.48 24.71 -1.20
N TYR B 36 -22.06 25.94 -1.21
CA TYR B 36 -22.43 26.94 -0.20
C TYR B 36 -22.87 28.14 -0.98
N VAL B 37 -23.97 28.76 -0.57
CA VAL B 37 -24.43 30.06 -1.11
C VAL B 37 -24.41 31.05 0.02
N ASN B 38 -23.63 32.10 -0.13
CA ASN B 38 -23.44 33.13 0.91
C ASN B 38 -24.49 34.23 0.68
N ASN B 39 -25.32 34.49 1.67
CA ASN B 39 -26.30 35.60 1.62
C ASN B 39 -26.06 36.56 2.81
N ALA B 40 -24.89 36.60 3.44
CA ALA B 40 -24.62 37.48 4.61
C ALA B 40 -24.55 38.95 4.18
N PRO B 41 -25.41 39.82 4.76
CA PRO B 41 -25.29 41.26 4.54
C PRO B 41 -23.85 41.77 4.74
N GLY B 42 -23.35 42.59 3.82
CA GLY B 42 -22.06 43.29 3.91
C GLY B 42 -20.88 42.46 3.44
N THR B 43 -21.10 41.33 2.78
CA THR B 43 -20.01 40.48 2.25
C THR B 43 -20.04 40.48 0.73
N GLY B 44 -18.94 40.08 0.11
CA GLY B 44 -18.89 39.75 -1.32
C GLY B 44 -19.25 38.30 -1.57
N CYS B 45 -19.05 37.85 -2.79
CA CYS B 45 -19.24 36.41 -3.15
C CYS B 45 -20.65 35.96 -2.71
N ARG B 46 -21.66 36.75 -3.04
CA ARG B 46 -23.07 36.52 -2.62
C ARG B 46 -23.91 35.91 -3.74
N GLY B 47 -24.88 35.07 -3.36
CA GLY B 47 -26.02 34.69 -4.20
C GLY B 47 -25.71 33.53 -5.10
N LEU B 48 -24.48 33.00 -5.10
CA LEU B 48 -24.13 31.96 -6.09
C LEU B 48 -23.29 30.89 -5.42
N PRO B 49 -23.38 29.65 -5.94
CA PRO B 49 -22.70 28.51 -5.34
C PRO B 49 -21.18 28.59 -5.39
N TYR B 50 -20.57 28.27 -4.25
CA TYR B 50 -19.12 27.92 -4.12
C TYR B 50 -19.02 26.46 -3.72
N ASP B 51 -18.02 25.75 -4.23
CA ASP B 51 -17.64 24.37 -3.82
C ASP B 51 -17.41 24.29 -2.30
N LEU B 52 -17.87 23.21 -1.70
CA LEU B 52 -17.77 22.97 -0.25
C LEU B 52 -17.26 21.55 -0.14
N SER B 53 -16.32 21.28 0.74
CA SER B 53 -15.89 19.90 0.99
C SER B 53 -15.51 19.76 2.46
N GLY B 54 -15.57 18.53 2.90
CA GLY B 54 -15.19 18.20 4.28
C GLY B 54 -15.54 16.79 4.57
N HIS B 55 -15.86 16.51 5.81
CA HIS B 55 -16.02 15.13 6.29
C HIS B 55 -16.94 15.16 7.50
N ALA B 56 -17.75 14.12 7.69
CA ALA B 56 -18.68 13.98 8.83
C ALA B 56 -18.53 12.56 9.34
N HIS B 57 -18.63 12.41 10.65
CA HIS B 57 -18.63 11.11 11.36
C HIS B 57 -19.40 11.27 12.67
N GLY B 58 -20.37 10.38 12.93
CA GLY B 58 -21.11 10.43 14.21
C GLY B 58 -21.86 11.73 14.31
N SER B 59 -21.59 12.55 15.33
CA SER B 59 -22.32 13.81 15.55
C SER B 59 -21.45 15.01 15.15
N THR B 60 -20.30 14.83 14.51
CA THR B 60 -19.46 16.02 14.15
C THR B 60 -19.17 16.09 12.65
N ILE B 61 -18.89 17.32 12.20
CA ILE B 61 -18.64 17.61 10.77
C ILE B 61 -17.68 18.80 10.72
N ALA B 62 -16.84 18.83 9.70
CA ALA B 62 -15.95 19.95 9.38
C ALA B 62 -15.98 20.16 7.87
N PHE B 63 -15.98 21.38 7.40
CA PHE B 63 -16.07 21.69 5.96
C PHE B 63 -15.50 23.07 5.75
N SER B 64 -15.14 23.32 4.49
CA SER B 64 -14.31 24.45 4.01
C SER B 64 -14.96 24.93 2.72
N VAL B 65 -14.89 26.23 2.52
CA VAL B 65 -15.20 26.91 1.22
C VAL B 65 -14.08 27.90 0.98
N VAL B 66 -13.40 27.77 -0.13
CA VAL B 66 -12.60 28.88 -0.67
C VAL B 66 -13.50 29.77 -1.53
N TRP B 67 -13.39 31.07 -1.36
CA TRP B 67 -14.30 32.06 -1.98
C TRP B 67 -13.78 32.45 -3.36
N SER B 68 -13.61 31.45 -4.22
CA SER B 68 -13.29 31.66 -5.64
C SER B 68 -14.06 30.59 -6.41
N ASN B 69 -14.94 30.98 -7.32
CA ASN B 69 -15.73 30.01 -8.12
C ASN B 69 -15.66 30.36 -9.60
N GLY B 70 -14.75 31.26 -10.01
CA GLY B 70 -14.61 31.66 -11.43
C GLY B 70 -15.51 32.82 -11.78
N ILE B 71 -16.32 33.29 -10.82
CA ILE B 71 -17.32 34.35 -11.04
C ILE B 71 -16.95 35.54 -10.15
N ALA B 72 -16.85 35.28 -8.84
CA ALA B 72 -16.34 36.27 -7.88
C ALA B 72 -15.29 35.63 -6.99
N ASP B 73 -14.14 36.29 -6.86
CA ASP B 73 -13.01 35.79 -6.05
C ASP B 73 -12.84 36.79 -4.91
N CYS B 74 -13.26 36.44 -3.69
CA CYS B 74 -13.01 37.36 -2.53
C CYS B 74 -11.68 37.03 -1.83
N ARG B 75 -10.83 36.19 -2.43
CA ARG B 75 -9.43 35.96 -1.95
C ARG B 75 -9.44 35.59 -0.47
N SER B 76 -10.35 34.70 -0.08
CA SER B 76 -10.60 34.34 1.34
C SER B 76 -10.90 32.87 1.43
N ALA B 77 -10.89 32.33 2.65
CA ALA B 77 -11.23 30.91 2.90
C ALA B 77 -11.93 30.82 4.24
N THR B 78 -13.00 30.05 4.30
CA THR B 78 -13.75 29.79 5.56
C THR B 78 -13.68 28.30 5.82
N SER B 79 -13.52 27.94 7.08
CA SER B 79 -13.70 26.55 7.48
C SER B 79 -14.61 26.57 8.70
N TRP B 80 -15.36 25.49 8.84
CA TRP B 80 -16.39 25.33 9.88
C TRP B 80 -16.10 24.02 10.56
N ALA B 81 -16.28 23.95 11.87
CA ALA B 81 -16.41 22.66 12.60
C ALA B 81 -17.73 22.74 13.38
N GLY B 82 -18.47 21.65 13.48
CA GLY B 82 -19.78 21.69 14.14
C GLY B 82 -20.18 20.33 14.65
N TYR B 83 -21.24 20.34 15.43
CA TYR B 83 -21.90 19.14 15.93
C TYR B 83 -23.39 19.27 15.62
N ALA B 84 -24.03 18.13 15.44
CA ALA B 84 -25.47 18.01 15.13
C ALA B 84 -26.22 18.18 16.45
N ARG B 85 -27.37 18.85 16.46
CA ARG B 85 -28.31 18.69 17.59
C ARG B 85 -29.75 18.66 17.06
N LYS B 86 -30.54 17.79 17.66
CA LYS B 86 -31.99 17.59 17.40
C LYS B 86 -32.74 18.73 18.10
N THR B 87 -33.74 19.31 17.45
CA THR B 87 -34.64 20.35 18.04
C THR B 87 -36.06 19.76 18.18
N PHE B 88 -36.87 20.35 19.08
CA PHE B 88 -38.28 19.97 19.35
C PHE B 88 -39.09 20.15 18.06
N GLY B 89 -39.74 19.07 17.61
CA GLY B 89 -40.41 19.00 16.30
C GLY B 89 -39.75 17.98 15.37
N GLY B 90 -38.62 17.38 15.78
CA GLY B 90 -37.82 16.50 14.91
C GLY B 90 -36.96 17.26 13.88
N GLY B 91 -36.75 18.57 14.06
CA GLY B 91 -35.75 19.37 13.32
C GLY B 91 -34.32 18.98 13.70
N VAL B 92 -33.35 19.31 12.85
CA VAL B 92 -31.90 19.06 13.17
C VAL B 92 -31.10 20.26 12.70
N GLN B 93 -30.10 20.56 13.52
CA GLN B 93 -29.27 21.76 13.35
C GLN B 93 -27.82 21.35 13.42
N ILE B 94 -27.02 22.08 12.68
CA ILE B 94 -25.54 21.98 12.85
C ILE B 94 -25.11 23.24 13.54
N VAL B 95 -24.51 23.07 14.71
CA VAL B 95 -23.95 24.19 15.52
C VAL B 95 -22.47 24.29 15.12
N THR B 96 -22.05 25.40 14.56
CA THR B 96 -20.69 25.51 13.98
C THR B 96 -19.98 26.70 14.58
N GLN B 97 -18.67 26.58 14.63
CA GLN B 97 -17.71 27.70 14.77
C GLN B 97 -16.96 27.76 13.45
N TRP B 98 -16.73 28.96 12.95
CA TRP B 98 -16.06 29.18 11.66
C TRP B 98 -14.84 30.06 11.87
N SER B 99 -13.90 29.94 10.95
CA SER B 99 -12.75 30.87 10.82
C SER B 99 -12.71 31.32 9.40
N LEU B 100 -12.46 32.60 9.21
CA LEU B 100 -12.37 33.24 7.89
C LEU B 100 -10.98 33.88 7.78
N ALA B 101 -10.19 33.46 6.81
CA ALA B 101 -8.85 34.03 6.54
C ALA B 101 -8.94 34.84 5.26
N PHE B 102 -8.32 36.00 5.28
CA PHE B 102 -8.13 36.90 4.11
C PHE B 102 -6.86 37.73 4.29
N VAL B 103 -6.41 38.37 3.22
CA VAL B 103 -5.23 39.28 3.17
C VAL B 103 -5.66 40.67 2.70
N GLY B 104 -5.87 41.63 3.59
CA GLY B 104 -6.06 43.05 3.25
C GLY B 104 -4.74 43.72 2.90
N LYS B 105 -4.75 44.96 2.41
CA LYS B 105 -3.50 45.77 2.27
C LYS B 105 -2.85 45.88 3.66
N ALA B 106 -3.64 45.65 4.72
CA ALA B 106 -3.21 45.47 6.13
C ALA B 106 -2.24 44.27 6.32
N GLY B 107 -2.27 43.24 5.47
CA GLY B 107 -1.61 41.93 5.71
C GLY B 107 -2.66 40.87 6.05
N GLY B 108 -2.27 39.66 6.43
CA GLY B 108 -3.21 38.56 6.72
C GLY B 108 -4.07 38.84 7.93
N LYS B 109 -5.33 38.42 7.89
CA LYS B 109 -6.25 38.59 9.03
C LYS B 109 -7.15 37.37 9.13
N ILE B 110 -7.61 37.06 10.32
CA ILE B 110 -8.51 35.93 10.56
C ILE B 110 -9.57 36.38 11.52
N GLU B 111 -10.86 36.19 11.18
CA GLU B 111 -12.00 36.33 12.11
C GLU B 111 -12.61 34.96 12.42
N THR B 112 -13.43 34.93 13.45
CA THR B 112 -14.15 33.75 13.95
C THR B 112 -15.57 34.17 14.32
N GLY B 113 -16.44 33.21 14.50
CA GLY B 113 -17.89 33.38 14.66
C GLY B 113 -18.58 32.05 14.79
N GLN B 114 -19.86 32.10 15.12
CA GLN B 114 -20.78 30.95 15.23
C GLN B 114 -21.86 31.16 14.16
N ASN B 115 -22.37 30.05 13.68
CA ASN B 115 -23.53 30.01 12.76
C ASN B 115 -24.23 28.73 13.19
N VAL B 116 -25.52 28.77 13.41
CA VAL B 116 -26.33 27.51 13.53
C VAL B 116 -27.06 27.28 12.19
N PHE B 117 -26.89 26.10 11.61
CA PHE B 117 -27.50 25.68 10.31
C PHE B 117 -28.70 24.77 10.63
N THR B 118 -29.89 25.14 10.13
CA THR B 118 -31.14 24.37 10.34
C THR B 118 -31.46 23.64 9.05
N TYR B 119 -31.69 22.34 9.16
CA TYR B 119 -32.10 21.46 8.04
C TYR B 119 -33.40 22.02 7.45
N GLN B 120 -33.45 22.13 6.13
CA GLN B 120 -34.67 22.57 5.36
C GLN B 120 -35.21 21.36 4.60
N ALA B 121 -36.38 20.82 4.99
CA ALA B 121 -37.01 19.67 4.29
C ALA B 121 -37.35 20.11 2.86
N ALA B 122 -37.33 19.18 1.89
CA ALA B 122 -37.73 19.44 0.47
C ALA B 122 -39.18 19.93 0.43
N THR B 123 -39.50 20.91 -0.41
CA THR B 123 -40.88 21.43 -0.55
C THR B 123 -41.37 21.10 -1.95
N VAL B 124 -42.71 21.06 -2.10
CA VAL B 124 -43.43 20.90 -3.38
C VAL B 124 -44.47 22.02 -3.38
N SER B 125 -44.49 22.82 -4.42
CA SER B 125 -45.41 23.96 -4.59
C SER B 125 -46.32 23.66 -5.79
N GLU B 126 -47.46 24.33 -5.87
CA GLU B 126 -48.43 24.11 -6.97
C GLU B 126 -47.75 24.41 -8.31
N SER B 127 -47.17 25.60 -8.44
CA SER B 127 -46.50 26.06 -9.68
C SER B 127 -45.32 26.97 -9.32
N LEU B 128 -44.52 27.41 -10.31
CA LEU B 128 -43.47 28.44 -10.10
C LEU B 128 -44.12 29.73 -9.58
N LEU B 129 -45.43 29.93 -9.80
CA LEU B 129 -46.12 31.23 -9.55
C LEU B 129 -46.91 31.20 -8.25
N THR B 130 -47.26 30.01 -7.70
CA THR B 130 -48.09 29.92 -6.46
C THR B 130 -47.73 28.67 -5.61
N GLU B 131 -47.74 28.86 -4.29
CA GLU B 131 -47.54 27.81 -3.25
C GLU B 131 -48.76 26.87 -3.19
N ASP C 3 2.21 31.71 -1.35
CA ASP C 3 1.09 31.64 -2.34
C ASP C 3 0.87 30.18 -2.84
N PHE C 4 -0.33 29.67 -2.68
CA PHE C 4 -0.61 28.21 -2.70
C PHE C 4 -0.80 27.68 -4.11
N ASP C 5 -1.10 28.52 -5.11
CA ASP C 5 -1.27 28.05 -6.52
C ASP C 5 0.07 27.44 -6.98
N SER C 6 1.20 27.99 -6.53
CA SER C 6 2.58 27.46 -6.78
C SER C 6 2.82 26.08 -6.13
N LEU C 7 1.95 25.61 -5.22
CA LEU C 7 2.01 24.22 -4.66
C LEU C 7 1.29 23.23 -5.59
N SER C 8 0.61 23.68 -6.65
CA SER C 8 -0.05 22.83 -7.69
C SER C 8 0.84 21.61 -8.06
N GLY C 9 0.34 20.37 -7.89
CA GLY C 9 1.07 19.12 -8.17
C GLY C 9 2.12 18.72 -7.13
N THR C 10 2.24 19.41 -5.97
CA THR C 10 3.31 19.15 -4.94
C THR C 10 2.72 18.49 -3.68
N SER C 11 3.58 17.75 -2.99
CA SER C 11 3.37 17.23 -1.61
C SER C 11 4.29 18.01 -0.66
N THR C 12 3.75 18.71 0.35
CA THR C 12 4.53 19.54 1.33
C THR C 12 4.15 19.22 2.78
N THR C 13 5.14 19.21 3.66
CA THR C 13 5.01 18.86 5.07
C THR C 13 5.20 20.15 5.90
N TRP C 14 4.39 20.26 6.95
CA TRP C 14 4.26 21.48 7.77
C TRP C 14 4.11 21.07 9.23
N VAL C 15 4.80 21.79 10.10
CA VAL C 15 4.74 21.51 11.55
C VAL C 15 4.26 22.77 12.24
N ASN C 16 3.49 22.56 13.30
CA ASN C 16 2.95 23.69 14.08
C ASN C 16 3.73 23.81 15.41
N GLU C 17 3.36 24.80 16.19
CA GLU C 17 4.08 25.16 17.45
C GLU C 17 3.93 24.02 18.45
N LEU C 18 2.96 23.12 18.29
CA LEU C 18 2.79 21.96 19.23
C LEU C 18 3.54 20.75 18.69
N GLY C 19 4.17 20.85 17.51
CA GLY C 19 4.86 19.67 16.92
C GLY C 19 3.92 18.74 16.16
N SER C 20 2.66 19.13 15.96
CA SER C 20 1.71 18.41 15.07
C SER C 20 2.18 18.63 13.64
N VAL C 21 2.07 17.62 12.79
CA VAL C 21 2.64 17.64 11.43
C VAL C 21 1.52 17.30 10.44
N MET C 22 1.43 18.05 9.35
CA MET C 22 0.56 17.61 8.24
C MET C 22 1.37 17.54 6.96
N THR C 23 0.93 16.67 6.07
CA THR C 23 1.45 16.51 4.71
C THR C 23 0.27 16.71 3.76
N ILE C 24 0.34 17.76 2.99
CA ILE C 24 -0.73 18.20 2.07
C ILE C 24 -0.26 18.07 0.63
N ASP C 25 -1.22 17.70 -0.22
CA ASP C 25 -1.09 17.57 -1.69
C ASP C 25 -2.09 18.56 -2.26
N VAL C 26 -1.61 19.50 -3.05
CA VAL C 26 -2.48 20.52 -3.66
C VAL C 26 -2.51 20.23 -5.15
N ASP C 27 -3.69 20.03 -5.71
CA ASP C 27 -3.84 19.66 -7.14
C ASP C 27 -3.94 20.95 -7.93
N ARG C 28 -4.11 20.81 -9.26
CA ARG C 28 -4.09 21.95 -10.21
C ARG C 28 -5.25 22.87 -9.91
N LYS C 29 -6.37 22.34 -9.43
CA LYS C 29 -7.58 23.14 -9.14
C LYS C 29 -7.57 23.71 -7.72
N GLY C 30 -6.55 23.42 -6.89
CA GLY C 30 -6.49 23.97 -5.52
C GLY C 30 -7.07 23.02 -4.49
N GLY C 31 -7.44 21.82 -4.91
CA GLY C 31 -7.93 20.77 -4.02
C GLY C 31 -6.80 20.31 -3.11
N VAL C 32 -7.07 20.23 -1.79
CA VAL C 32 -6.08 19.78 -0.78
C VAL C 32 -6.48 18.42 -0.25
N THR C 33 -5.56 17.47 -0.25
CA THR C 33 -5.75 16.18 0.44
C THR C 33 -4.47 15.89 1.20
N GLY C 34 -4.47 14.87 2.03
CA GLY C 34 -3.28 14.38 2.70
C GLY C 34 -3.65 13.92 4.10
N TYR C 35 -2.76 14.08 5.07
CA TYR C 35 -2.93 13.53 6.42
C TYR C 35 -2.34 14.51 7.44
N TYR C 36 -2.78 14.34 8.67
CA TYR C 36 -2.46 15.15 9.85
C TYR C 36 -2.09 14.18 10.94
N VAL C 37 -0.96 14.43 11.60
CA VAL C 37 -0.51 13.68 12.78
C VAL C 37 -0.50 14.65 13.95
N ASN C 38 -1.33 14.36 14.93
CA ASN C 38 -1.57 15.24 16.09
C ASN C 38 -0.54 14.92 17.18
N ASN C 39 0.02 15.98 17.78
CA ASN C 39 0.91 15.89 18.97
C ASN C 39 0.43 16.80 20.11
N ALA C 40 -0.78 17.33 20.06
CA ALA C 40 -1.23 18.37 21.00
C ALA C 40 -1.29 17.74 22.41
N PRO C 41 -0.70 18.38 23.45
CA PRO C 41 -0.67 17.76 24.76
C PRO C 41 -2.10 17.72 25.32
N GLY C 42 -2.44 16.64 26.02
CA GLY C 42 -3.76 16.43 26.64
C GLY C 42 -4.84 16.14 25.62
N THR C 43 -4.49 15.66 24.42
CA THR C 43 -5.49 15.24 23.42
C THR C 43 -5.36 13.74 23.20
N GLY C 44 -6.42 13.06 22.77
CA GLY C 44 -6.31 11.70 22.21
C GLY C 44 -5.98 11.75 20.71
N CYS C 45 -5.98 10.60 20.03
CA CYS C 45 -5.82 10.56 18.56
C CYS C 45 -4.47 11.16 18.18
N ARG C 46 -3.42 10.78 18.91
CA ARG C 46 -2.05 11.32 18.77
C ARG C 46 -1.19 10.31 18.04
N GLY C 47 -0.21 10.74 17.25
CA GLY C 47 0.88 9.89 16.74
C GLY C 47 0.52 9.07 15.48
N LEU C 48 -0.68 9.16 14.95
CA LEU C 48 -1.09 8.37 13.74
C LEU C 48 -1.79 9.25 12.73
N PRO C 49 -1.69 8.95 11.42
CA PRO C 49 -2.31 9.79 10.42
C PRO C 49 -3.84 9.75 10.46
N TYR C 50 -4.42 10.93 10.27
CA TYR C 50 -5.86 11.16 10.06
C TYR C 50 -5.93 11.86 8.72
N ASP C 51 -6.92 11.50 7.90
CA ASP C 51 -7.15 12.09 6.56
C ASP C 51 -7.41 13.58 6.72
N LEU C 52 -6.93 14.39 5.77
CA LEU C 52 -7.32 15.80 5.76
C LEU C 52 -7.76 16.22 4.38
N SER C 53 -8.67 17.17 4.31
CA SER C 53 -9.09 17.69 3.00
C SER C 53 -9.49 19.13 3.15
N GLY C 54 -9.38 19.87 2.07
CA GLY C 54 -9.77 21.27 2.00
C GLY C 54 -9.44 21.82 0.65
N HIS C 55 -9.23 23.12 0.60
CA HIS C 55 -9.00 23.85 -0.65
C HIS C 55 -8.07 25.01 -0.33
N ALA C 56 -7.27 25.40 -1.31
CA ALA C 56 -6.34 26.54 -1.23
C ALA C 56 -6.45 27.29 -2.54
N HIS C 57 -6.37 28.60 -2.47
CA HIS C 57 -6.39 29.50 -3.62
C HIS C 57 -5.61 30.73 -3.21
N GLY C 58 -4.70 31.19 -4.06
CA GLY C 58 -3.89 32.39 -3.74
C GLY C 58 -3.18 32.21 -2.39
N SER C 59 -3.43 33.13 -1.49
CA SER C 59 -2.71 33.19 -0.20
C SER C 59 -3.55 32.54 0.90
N THR C 60 -4.74 31.97 0.62
CA THR C 60 -5.57 31.42 1.72
C THR C 60 -5.81 29.93 1.52
N ILE C 61 -6.16 29.27 2.62
CA ILE C 61 -6.34 27.82 2.68
C ILE C 61 -7.36 27.54 3.78
N ALA C 62 -8.11 26.46 3.61
CA ALA C 62 -9.04 25.91 4.61
C ALA C 62 -9.01 24.40 4.48
N PHE C 63 -8.88 23.72 5.60
CA PHE C 63 -8.85 22.24 5.64
C PHE C 63 -9.46 21.74 6.94
N SER C 64 -9.71 20.44 6.97
CA SER C 64 -10.55 19.77 7.98
C SER C 64 -9.95 18.42 8.25
N VAL C 65 -10.06 18.00 9.50
CA VAL C 65 -9.74 16.64 9.96
C VAL C 65 -10.89 16.18 10.85
N VAL C 66 -11.45 15.04 10.55
CA VAL C 66 -12.36 14.34 11.47
C VAL C 66 -11.52 13.30 12.20
N TRP C 67 -11.60 13.30 13.52
CA TRP C 67 -10.69 12.51 14.38
C TRP C 67 -11.23 11.08 14.49
N SER C 68 -11.38 10.40 13.35
CA SER C 68 -11.66 8.95 13.28
C SER C 68 -10.92 8.35 12.09
N ASN C 69 -10.07 7.37 12.31
CA ASN C 69 -9.24 6.80 11.21
C ASN C 69 -9.32 5.28 11.28
N GLY C 70 -10.30 4.71 12.00
CA GLY C 70 -10.47 3.25 12.14
C GLY C 70 -9.59 2.70 13.24
N ILE C 71 -8.72 3.51 13.84
CA ILE C 71 -7.82 3.07 14.95
C ILE C 71 -8.26 3.74 16.25
N ALA C 72 -8.44 5.06 16.24
CA ALA C 72 -8.90 5.83 17.42
C ALA C 72 -9.89 6.90 16.94
N ASP C 73 -11.10 6.85 17.50
CA ASP C 73 -12.19 7.80 17.24
C ASP C 73 -12.33 8.67 18.48
N CYS C 74 -12.01 9.97 18.39
CA CYS C 74 -12.20 10.95 19.50
C CYS C 74 -13.51 11.71 19.28
N ARG C 75 -14.35 11.27 18.34
CA ARG C 75 -15.74 11.83 18.17
C ARG C 75 -15.64 13.36 18.12
N SER C 76 -14.78 13.85 17.25
CA SER C 76 -14.44 15.28 17.14
C SER C 76 -14.07 15.61 15.71
N ALA C 77 -14.08 16.88 15.38
CA ALA C 77 -13.65 17.37 14.05
C ALA C 77 -12.97 18.70 14.30
N THR C 78 -11.88 18.96 13.58
CA THR C 78 -11.18 20.28 13.60
C THR C 78 -11.22 20.86 12.20
N SER C 79 -11.45 22.15 12.08
CA SER C 79 -11.23 22.84 10.79
C SER C 79 -10.37 24.06 11.05
N TRP C 80 -9.54 24.33 10.07
CA TRP C 80 -8.55 25.41 10.03
C TRP C 80 -8.89 26.28 8.83
N ALA C 81 -8.68 27.57 9.00
CA ALA C 81 -8.58 28.53 7.90
C ALA C 81 -7.33 29.35 8.17
N GLY C 82 -6.58 29.65 7.12
CA GLY C 82 -5.35 30.43 7.30
C GLY C 82 -4.88 31.14 6.07
N TYR C 83 -3.83 31.93 6.27
CA TYR C 83 -3.11 32.66 5.22
C TYR C 83 -1.64 32.27 5.28
N ALA C 84 -1.02 32.28 4.10
CA ALA C 84 0.41 32.02 3.89
C ALA C 84 1.15 33.31 4.19
N ARG C 85 2.31 33.22 4.80
CA ARG C 85 3.19 34.41 4.88
C ARG C 85 4.64 33.94 4.78
N LYS C 86 5.37 34.62 3.90
CA LYS C 86 6.80 34.36 3.64
C LYS C 86 7.52 34.77 4.93
N THR C 87 8.44 33.93 5.36
CA THR C 87 9.32 34.25 6.51
C THR C 87 10.60 34.94 5.96
N PHE C 88 11.11 35.93 6.68
CA PHE C 88 12.46 36.52 6.46
C PHE C 88 13.37 35.40 5.99
N GLY C 89 14.01 35.58 4.85
CA GLY C 89 14.72 34.49 4.15
C GLY C 89 13.85 34.03 3.00
N GLY C 90 13.56 32.75 2.93
CA GLY C 90 12.74 32.17 1.85
C GLY C 90 11.83 31.10 2.41
N GLY C 91 11.52 31.15 3.72
CA GLY C 91 10.66 30.14 4.36
C GLY C 91 9.18 30.46 4.15
N VAL C 92 8.28 29.63 4.64
CA VAL C 92 6.84 30.02 4.50
C VAL C 92 6.09 29.40 5.68
N GLN C 93 5.14 30.17 6.18
CA GLN C 93 4.27 29.69 7.27
C GLN C 93 2.83 29.85 6.80
N ILE C 94 1.97 29.08 7.46
CA ILE C 94 0.51 29.26 7.44
C ILE C 94 0.07 29.64 8.84
N VAL C 95 -0.50 30.83 8.94
CA VAL C 95 -1.15 31.33 10.16
C VAL C 95 -2.62 30.93 10.10
N THR C 96 -3.06 30.11 11.05
CA THR C 96 -4.39 29.51 11.08
C THR C 96 -5.08 29.86 12.39
N GLN C 97 -6.40 29.95 12.29
CA GLN C 97 -7.37 29.82 13.39
C GLN C 97 -8.06 28.46 13.20
N TRP C 98 -8.14 27.65 14.24
CA TRP C 98 -8.84 26.36 14.21
C TRP C 98 -10.13 26.44 15.03
N SER C 99 -11.11 25.63 14.64
CA SER C 99 -12.32 25.32 15.44
C SER C 99 -12.39 23.82 15.60
N LEU C 100 -12.69 23.40 16.81
CA LEU C 100 -12.79 22.01 17.26
C LEU C 100 -14.20 21.83 17.77
N ALA C 101 -14.91 20.84 17.25
CA ALA C 101 -16.26 20.46 17.69
C ALA C 101 -16.21 19.05 18.25
N PHE C 102 -16.88 18.83 19.38
CA PHE C 102 -16.98 17.47 20.00
C PHE C 102 -18.26 17.37 20.85
N VAL C 103 -18.63 16.14 21.15
CA VAL C 103 -19.85 15.80 21.94
C VAL C 103 -19.35 14.95 23.11
N GLY C 104 -19.32 15.54 24.30
CA GLY C 104 -18.93 14.83 25.53
C GLY C 104 -20.14 14.36 26.34
N LYS C 105 -19.92 14.12 27.63
CA LYS C 105 -21.00 13.78 28.59
C LYS C 105 -21.82 15.04 28.86
N ALA C 106 -21.23 16.24 28.77
CA ALA C 106 -21.94 17.54 28.85
C ALA C 106 -22.59 17.89 27.51
N GLY C 107 -22.43 17.02 26.49
CA GLY C 107 -23.01 17.26 25.15
C GLY C 107 -22.07 18.04 24.24
N GLY C 108 -22.63 18.76 23.24
CA GLY C 108 -21.87 19.43 22.16
C GLY C 108 -21.09 20.63 22.65
N LYS C 109 -19.81 20.72 22.28
CA LYS C 109 -18.92 21.89 22.57
C LYS C 109 -18.05 22.23 21.37
N ILE C 110 -17.66 23.49 21.31
CA ILE C 110 -16.78 24.08 20.30
C ILE C 110 -15.68 24.89 20.99
N GLU C 111 -14.42 24.60 20.70
CA GLU C 111 -13.25 25.43 21.10
C GLU C 111 -12.59 26.05 19.87
N THR C 112 -11.81 27.10 20.09
CA THR C 112 -11.06 27.79 19.02
C THR C 112 -9.67 28.10 19.56
N GLY C 113 -8.74 28.38 18.65
CA GLY C 113 -7.36 28.73 18.98
C GLY C 113 -6.61 28.97 17.67
N GLN C 114 -5.32 29.24 17.80
CA GLN C 114 -4.43 29.57 16.67
C GLN C 114 -3.41 28.46 16.57
N ASN C 115 -2.98 28.20 15.34
CA ASN C 115 -1.84 27.31 15.04
C ASN C 115 -1.03 28.05 13.99
N VAL C 116 0.29 28.02 14.10
CA VAL C 116 1.18 28.52 13.01
C VAL C 116 1.97 27.34 12.47
N PHE C 117 1.79 27.02 11.18
CA PHE C 117 2.46 25.88 10.53
C PHE C 117 3.70 26.42 9.79
N THR C 118 4.81 25.73 9.89
CA THR C 118 6.06 26.11 9.21
C THR C 118 6.39 25.00 8.21
N TYR C 119 6.63 25.36 6.98
CA TYR C 119 7.05 24.40 5.92
C TYR C 119 8.39 23.78 6.30
N GLN C 120 8.50 22.47 6.17
CA GLN C 120 9.69 21.64 6.41
C GLN C 120 10.02 20.88 5.11
N ALA C 121 11.12 21.25 4.46
CA ALA C 121 11.61 20.55 3.24
C ALA C 121 11.98 19.12 3.60
N ALA C 122 12.00 18.21 2.62
CA ALA C 122 12.43 16.82 2.78
C ALA C 122 13.85 16.78 3.35
N THR C 123 14.16 15.74 4.16
CA THR C 123 15.51 15.46 4.69
C THR C 123 15.99 14.08 4.26
N VAL C 124 17.31 13.93 4.26
CA VAL C 124 18.05 12.68 3.95
C VAL C 124 19.01 12.46 5.10
N SER C 125 19.00 11.31 5.75
CA SER C 125 20.02 10.88 6.73
C SER C 125 20.96 9.88 6.06
N GLU C 126 22.05 9.56 6.77
CA GLU C 126 23.03 8.56 6.30
C GLU C 126 22.36 7.18 6.34
N SER C 127 21.73 6.85 7.46
CA SER C 127 21.16 5.53 7.82
C SER C 127 20.00 5.74 8.79
N LEU C 128 19.21 4.70 9.05
CA LEU C 128 18.13 4.72 10.05
C LEU C 128 18.68 4.95 11.46
N LEU C 129 19.99 4.74 11.69
CA LEU C 129 20.65 4.76 13.03
C LEU C 129 21.52 6.02 13.20
N THR C 130 22.12 6.53 12.12
CA THR C 130 23.09 7.66 12.11
C THR C 130 22.57 8.73 11.14
N GLU C 131 22.44 9.98 11.58
CA GLU C 131 22.14 11.17 10.72
C GLU C 131 23.42 11.59 9.97
N ASP D 3 -4.49 -18.14 10.93
CA ASP D 3 -5.33 -17.01 11.41
C ASP D 3 -5.32 -15.82 10.42
N PHE D 4 -4.32 -15.68 9.54
CA PHE D 4 -4.12 -14.46 8.72
C PHE D 4 -5.08 -14.41 7.53
N ASP D 5 -5.64 -15.55 7.10
CA ASP D 5 -6.65 -15.59 6.00
C ASP D 5 -7.91 -14.84 6.47
N SER D 6 -8.27 -14.94 7.75
CA SER D 6 -9.51 -14.33 8.33
C SER D 6 -9.35 -12.82 8.54
N LEU D 7 -8.16 -12.24 8.31
CA LEU D 7 -7.98 -10.78 8.13
C LEU D 7 -8.41 -10.34 6.71
N SER D 8 -8.91 -11.26 5.86
CA SER D 8 -9.41 -10.99 4.49
C SER D 8 -10.39 -9.80 4.48
N GLY D 9 -10.05 -8.72 3.75
CA GLY D 9 -10.88 -7.51 3.56
C GLY D 9 -10.94 -6.60 4.79
N THR D 10 -10.06 -6.79 5.78
CA THR D 10 -9.97 -6.00 7.04
C THR D 10 -8.72 -5.10 7.03
N SER D 11 -8.79 -3.98 7.76
CA SER D 11 -7.62 -3.16 8.22
C SER D 11 -7.38 -3.39 9.72
N THR D 12 -6.16 -3.72 10.16
CA THR D 12 -5.86 -4.05 11.58
C THR D 12 -4.61 -3.30 12.01
N THR D 13 -4.54 -2.84 13.26
CA THR D 13 -3.35 -2.15 13.78
C THR D 13 -2.67 -3.05 14.82
N TRP D 14 -1.34 -3.02 14.82
CA TRP D 14 -0.44 -3.83 15.68
C TRP D 14 0.67 -2.92 16.19
N VAL D 15 1.06 -3.02 17.47
CA VAL D 15 2.12 -2.14 18.05
C VAL D 15 3.21 -3.02 18.68
N ASN D 16 4.47 -2.71 18.45
CA ASN D 16 5.57 -3.54 19.00
C ASN D 16 5.97 -2.97 20.38
N GLU D 17 6.89 -3.67 21.03
CA GLU D 17 7.40 -3.38 22.39
C GLU D 17 7.92 -1.95 22.43
N LEU D 18 8.40 -1.37 21.32
CA LEU D 18 8.95 0.01 21.32
C LEU D 18 7.89 1.04 20.91
N GLY D 19 6.60 0.69 20.89
CA GLY D 19 5.53 1.59 20.40
C GLY D 19 5.55 1.90 18.89
N SER D 20 6.35 1.22 18.06
CA SER D 20 6.27 1.32 16.57
C SER D 20 4.95 0.71 16.15
N VAL D 21 4.27 1.30 15.16
CA VAL D 21 2.89 0.89 14.79
C VAL D 21 2.88 0.42 13.33
N MET D 22 2.13 -0.65 13.04
CA MET D 22 1.83 -1.03 11.63
C MET D 22 0.33 -1.26 11.48
N THR D 23 -0.24 -0.60 10.48
CA THR D 23 -1.63 -0.80 10.06
C THR D 23 -1.59 -1.52 8.73
N ILE D 24 -2.28 -2.66 8.62
CA ILE D 24 -2.13 -3.56 7.44
C ILE D 24 -3.51 -3.87 6.93
N ASP D 25 -3.64 -3.80 5.61
CA ASP D 25 -4.80 -4.28 4.80
C ASP D 25 -4.40 -5.63 4.18
N VAL D 26 -5.21 -6.65 4.40
CA VAL D 26 -4.92 -8.00 3.85
C VAL D 26 -6.07 -8.30 2.88
N ASP D 27 -5.75 -8.47 1.60
CA ASP D 27 -6.79 -8.76 0.56
C ASP D 27 -7.06 -10.27 0.56
N ARG D 28 -8.03 -10.71 -0.25
CA ARG D 28 -8.53 -12.11 -0.29
C ARG D 28 -7.43 -13.05 -0.73
N LYS D 29 -6.42 -12.55 -1.45
CA LYS D 29 -5.28 -13.38 -1.91
C LYS D 29 -4.11 -13.34 -0.93
N GLY D 30 -4.22 -12.68 0.21
CA GLY D 30 -3.15 -12.58 1.22
C GLY D 30 -2.15 -11.47 0.91
N GLY D 31 -2.45 -10.62 -0.07
CA GLY D 31 -1.65 -9.40 -0.33
C GLY D 31 -1.75 -8.43 0.85
N VAL D 32 -0.61 -7.94 1.35
CA VAL D 32 -0.54 -7.04 2.54
C VAL D 32 -0.11 -5.67 2.07
N THR D 33 -0.91 -4.65 2.34
CA THR D 33 -0.52 -3.23 2.14
C THR D 33 -0.84 -2.44 3.42
N GLY D 34 -0.24 -1.28 3.56
CA GLY D 34 -0.57 -0.34 4.64
C GLY D 34 0.61 0.53 4.92
N TYR D 35 0.81 0.87 6.19
CA TYR D 35 1.92 1.76 6.57
C TYR D 35 2.44 1.35 7.93
N TYR D 36 3.67 1.76 8.16
CA TYR D 36 4.40 1.54 9.41
C TYR D 36 4.81 2.92 9.94
N VAL D 37 4.65 3.10 11.25
CA VAL D 37 5.17 4.32 11.96
C VAL D 37 6.22 3.83 12.94
N ASN D 38 7.47 4.21 12.70
CA ASN D 38 8.64 3.92 13.56
C ASN D 38 8.67 4.90 14.76
N ASN D 39 8.65 4.35 15.99
CA ASN D 39 8.81 5.10 17.27
C ASN D 39 10.01 4.54 18.05
N ALA D 40 11.07 4.06 17.37
CA ALA D 40 12.17 3.29 18.01
C ALA D 40 13.27 4.25 18.46
N PRO D 41 13.51 4.34 19.79
CA PRO D 41 14.56 5.21 20.30
C PRO D 41 15.86 4.95 19.51
N GLY D 42 16.58 6.02 19.15
CA GLY D 42 17.91 5.97 18.49
C GLY D 42 17.82 5.91 16.96
N THR D 43 16.62 6.00 16.38
CA THR D 43 16.45 5.82 14.90
C THR D 43 15.94 7.12 14.29
N GLY D 44 16.30 7.41 13.04
CA GLY D 44 15.63 8.42 12.21
C GLY D 44 14.28 7.93 11.68
N CYS D 45 13.69 8.69 10.76
CA CYS D 45 12.38 8.38 10.12
C CYS D 45 11.36 7.94 11.16
N ARG D 46 11.22 8.75 12.21
CA ARG D 46 10.27 8.48 13.33
C ARG D 46 9.00 9.29 13.14
N GLY D 47 7.85 8.74 13.52
CA GLY D 47 6.62 9.50 13.76
C GLY D 47 5.75 9.70 12.54
N LEU D 48 6.11 9.17 11.35
CA LEU D 48 5.34 9.41 10.09
C LEU D 48 5.14 8.10 9.33
N PRO D 49 4.00 7.92 8.61
CA PRO D 49 3.73 6.67 7.91
C PRO D 49 4.80 6.46 6.83
N TYR D 50 5.34 5.25 6.78
CA TYR D 50 6.09 4.72 5.63
C TYR D 50 5.30 3.55 5.03
N ASP D 51 5.33 3.43 3.69
CA ASP D 51 4.63 2.37 2.92
C ASP D 51 5.15 1.01 3.37
N LEU D 52 4.23 0.10 3.60
CA LEU D 52 4.54 -1.29 4.02
C LEU D 52 3.88 -2.23 3.01
N SER D 53 4.59 -3.25 2.55
CA SER D 53 3.90 -4.31 1.79
C SER D 53 4.52 -5.68 2.03
N GLY D 54 3.71 -6.69 1.73
CA GLY D 54 4.18 -8.08 1.71
C GLY D 54 3.03 -9.02 1.47
N HIS D 55 3.00 -10.08 2.21
CA HIS D 55 2.05 -11.17 1.93
C HIS D 55 1.92 -11.99 3.20
N ALA D 56 0.71 -12.45 3.43
CA ALA D 56 0.34 -13.33 4.56
C ALA D 56 -0.37 -14.55 4.00
N HIS D 57 -0.18 -15.71 4.62
CA HIS D 57 -0.88 -16.95 4.19
C HIS D 57 -1.33 -17.76 5.39
N GLY D 58 -0.43 -18.29 6.17
CA GLY D 58 -1.10 -19.23 7.09
C GLY D 58 -1.32 -18.59 8.43
N SER D 59 -0.37 -18.95 9.26
CA SER D 59 0.00 -18.28 10.52
C SER D 59 1.23 -17.44 10.21
N THR D 60 1.61 -17.28 8.95
CA THR D 60 2.87 -16.60 8.62
C THR D 60 2.63 -15.34 7.78
N ILE D 61 3.58 -14.41 7.88
CA ILE D 61 3.49 -13.10 7.20
C ILE D 61 4.91 -12.66 7.01
N ALA D 62 5.11 -11.94 5.91
CA ALA D 62 6.39 -11.30 5.59
C ALA D 62 6.05 -9.94 4.98
N PHE D 63 6.76 -8.90 5.41
CA PHE D 63 6.49 -7.53 4.97
C PHE D 63 7.80 -6.78 4.99
N SER D 64 7.80 -5.68 4.26
CA SER D 64 8.98 -4.82 4.07
C SER D 64 8.58 -3.34 4.19
N VAL D 65 9.52 -2.54 4.64
CA VAL D 65 9.44 -1.05 4.60
C VAL D 65 10.76 -0.55 4.08
N VAL D 66 10.71 0.34 3.11
CA VAL D 66 11.89 1.12 2.68
C VAL D 66 11.75 2.49 3.34
N TRP D 67 12.81 2.95 3.97
CA TRP D 67 12.76 4.15 4.86
C TRP D 67 12.90 5.42 4.03
N SER D 68 12.00 5.62 3.08
CA SER D 68 11.90 6.85 2.25
C SER D 68 10.43 7.10 1.94
N ASN D 69 9.89 8.27 2.27
CA ASN D 69 8.44 8.53 2.10
C ASN D 69 8.27 9.90 1.43
N GLY D 70 9.36 10.52 0.94
CA GLY D 70 9.24 11.88 0.37
C GLY D 70 9.46 12.98 1.44
N ILE D 71 9.59 12.61 2.72
CA ILE D 71 9.68 13.55 3.88
C ILE D 71 11.03 13.36 4.59
N ALA D 72 11.30 12.16 5.07
CA ALA D 72 12.61 11.77 5.62
C ALA D 72 13.08 10.47 4.95
N ASP D 73 14.27 10.48 4.38
CA ASP D 73 14.93 9.33 3.73
C ASP D 73 16.06 8.87 4.65
N CYS D 74 15.93 7.73 5.31
CA CYS D 74 17.06 7.13 6.08
C CYS D 74 17.90 6.18 5.20
N ARG D 75 17.61 6.06 3.90
CA ARG D 75 18.44 5.24 2.95
C ARG D 75 18.67 3.84 3.51
N SER D 76 17.62 3.21 4.03
CA SER D 76 17.69 1.90 4.70
C SER D 76 16.46 1.09 4.33
N ALA D 77 16.45 -0.20 4.64
CA ALA D 77 15.32 -1.08 4.33
C ALA D 77 15.24 -2.09 5.45
N THR D 78 14.03 -2.31 5.93
CA THR D 78 13.72 -3.36 6.93
C THR D 78 12.76 -4.38 6.29
N SER D 79 12.95 -5.65 6.61
CA SER D 79 11.94 -6.67 6.29
C SER D 79 11.73 -7.52 7.52
N TRP D 80 10.52 -8.02 7.65
CA TRP D 80 10.04 -8.81 8.80
C TRP D 80 9.53 -10.14 8.25
N ALA D 81 9.70 -11.23 9.00
CA ALA D 81 8.92 -12.48 8.84
C ALA D 81 8.38 -12.86 10.21
N GLY D 82 7.15 -13.33 10.27
CA GLY D 82 6.54 -13.56 11.58
C GLY D 82 5.52 -14.65 11.53
N TYR D 83 5.13 -15.12 12.70
CA TYR D 83 3.94 -15.99 12.85
C TYR D 83 3.01 -15.36 13.87
N ALA D 84 1.71 -15.60 13.68
CA ALA D 84 0.63 -15.25 14.61
C ALA D 84 0.70 -16.23 15.79
N ARG D 85 0.36 -15.76 16.99
CA ARG D 85 0.00 -16.61 18.17
C ARG D 85 -1.08 -15.88 18.98
N LYS D 86 -2.03 -16.62 19.56
CA LYS D 86 -2.98 -16.06 20.57
C LYS D 86 -2.23 -15.98 21.90
N THR D 87 -2.56 -14.98 22.74
CA THR D 87 -2.13 -14.86 24.15
C THR D 87 -3.33 -15.13 25.06
N PHE D 88 -3.12 -15.74 26.24
CA PHE D 88 -4.17 -15.87 27.29
C PHE D 88 -4.79 -14.48 27.45
N GLY D 89 -6.11 -14.37 27.26
CA GLY D 89 -6.85 -13.10 27.18
C GLY D 89 -7.81 -13.10 26.00
N GLY D 90 -7.52 -13.86 24.94
CA GLY D 90 -8.19 -13.78 23.63
C GLY D 90 -7.51 -12.77 22.73
N GLY D 91 -6.31 -12.31 23.11
CA GLY D 91 -5.44 -11.41 22.32
C GLY D 91 -4.79 -12.14 21.16
N VAL D 92 -4.12 -11.39 20.27
CA VAL D 92 -3.39 -11.90 19.08
C VAL D 92 -2.12 -11.07 18.91
N GLN D 93 -1.00 -11.76 18.76
CA GLN D 93 0.33 -11.14 18.51
C GLN D 93 0.91 -11.75 17.23
N ILE D 94 1.81 -11.02 16.59
CA ILE D 94 2.68 -11.51 15.51
C ILE D 94 4.08 -11.49 16.07
N VAL D 95 4.67 -12.66 16.23
CA VAL D 95 6.09 -12.74 16.63
C VAL D 95 6.89 -12.59 15.35
N THR D 96 7.87 -11.69 15.31
CA THR D 96 8.63 -11.40 14.09
C THR D 96 10.11 -11.36 14.39
N GLN D 97 10.87 -11.58 13.33
CA GLN D 97 12.29 -11.31 13.21
C GLN D 97 12.42 -10.33 12.06
N TRP D 98 13.31 -9.35 12.20
CA TRP D 98 13.56 -8.31 11.17
C TRP D 98 15.03 -8.31 10.82
N SER D 99 15.30 -7.73 9.65
CA SER D 99 16.65 -7.46 9.12
C SER D 99 16.61 -6.02 8.61
N LEU D 100 17.69 -5.28 8.86
CA LEU D 100 17.82 -3.85 8.48
C LEU D 100 19.10 -3.72 7.69
N ALA D 101 19.02 -3.15 6.50
CA ALA D 101 20.20 -2.90 5.65
C ALA D 101 20.36 -1.40 5.49
N PHE D 102 21.60 -0.93 5.50
CA PHE D 102 22.00 0.48 5.27
C PHE D 102 23.46 0.52 4.84
N VAL D 103 23.93 1.68 4.43
CA VAL D 103 25.36 1.96 4.10
C VAL D 103 25.89 3.02 5.10
N GLY D 104 26.72 2.60 6.07
CA GLY D 104 27.55 3.52 6.89
C GLY D 104 28.65 4.16 6.05
N LYS D 105 29.54 4.95 6.65
CA LYS D 105 30.79 5.42 5.96
C LYS D 105 31.72 4.21 5.80
N ALA D 106 31.49 3.15 6.59
CA ALA D 106 32.27 1.89 6.61
C ALA D 106 31.85 0.96 5.46
N GLY D 107 30.79 1.29 4.71
CA GLY D 107 30.17 0.41 3.68
C GLY D 107 28.86 -0.18 4.19
N GLY D 108 28.35 -1.23 3.55
CA GLY D 108 27.02 -1.77 3.87
C GLY D 108 27.05 -2.57 5.15
N LYS D 109 25.93 -2.61 5.88
CA LYS D 109 25.80 -3.43 7.10
C LYS D 109 24.35 -3.86 7.18
N ILE D 110 24.12 -4.89 7.97
CA ILE D 110 22.80 -5.50 8.21
C ILE D 110 22.73 -5.87 9.68
N GLU D 111 21.61 -5.58 10.33
CA GLU D 111 21.35 -5.91 11.76
C GLU D 111 20.07 -6.72 11.77
N THR D 112 19.85 -7.49 12.82
CA THR D 112 18.61 -8.26 12.98
C THR D 112 18.15 -8.11 14.43
N GLY D 113 16.93 -8.53 14.72
CA GLY D 113 16.29 -8.37 16.03
C GLY D 113 14.91 -8.95 15.98
N GLN D 114 14.27 -9.12 17.14
CA GLN D 114 12.87 -9.54 17.28
C GLN D 114 12.05 -8.31 17.61
N ASN D 115 10.81 -8.31 17.13
CA ASN D 115 9.72 -7.47 17.64
C ASN D 115 8.54 -8.40 17.77
N VAL D 116 7.77 -8.23 18.82
CA VAL D 116 6.42 -8.81 18.94
C VAL D 116 5.45 -7.64 18.76
N PHE D 117 4.51 -7.80 17.83
CA PHE D 117 3.45 -6.79 17.54
C PHE D 117 2.20 -7.31 18.22
N THR D 118 1.46 -6.46 18.92
CA THR D 118 0.20 -6.86 19.58
C THR D 118 -0.94 -6.17 18.84
N TYR D 119 -1.93 -6.93 18.43
CA TYR D 119 -3.18 -6.38 17.86
C TYR D 119 -3.71 -5.34 18.85
N GLN D 120 -4.03 -4.12 18.39
CA GLN D 120 -4.77 -3.10 19.18
C GLN D 120 -6.15 -2.97 18.57
N ALA D 121 -7.21 -3.29 19.29
CA ALA D 121 -8.57 -3.06 18.79
C ALA D 121 -8.82 -1.55 18.68
N ALA D 122 -9.70 -1.16 17.78
CA ALA D 122 -10.16 0.23 17.61
C ALA D 122 -10.65 0.78 18.96
N THR D 123 -10.21 1.97 19.36
CA THR D 123 -10.64 2.65 20.59
C THR D 123 -11.64 3.73 20.20
N VAL D 124 -12.54 4.07 21.12
CA VAL D 124 -13.43 5.26 20.98
C VAL D 124 -13.31 6.02 22.29
N SER D 125 -13.02 7.32 22.21
CA SER D 125 -12.99 8.26 23.35
C SER D 125 -14.23 9.14 23.33
N GLU D 126 -14.48 9.82 24.43
CA GLU D 126 -15.58 10.81 24.58
C GLU D 126 -15.33 11.99 23.62
N SER D 127 -14.12 12.54 23.64
CA SER D 127 -13.72 13.72 22.84
C SER D 127 -12.21 13.66 22.57
N LEU D 128 -11.72 14.60 21.75
CA LEU D 128 -10.26 14.78 21.49
C LEU D 128 -9.59 15.14 22.82
N LEU D 129 -10.34 15.76 23.74
CA LEU D 129 -9.82 16.31 25.03
C LEU D 129 -9.95 15.30 26.17
N THR D 130 -10.93 14.37 26.12
CA THR D 130 -11.35 13.44 27.24
C THR D 130 -11.42 11.98 26.76
N GLU D 131 -10.73 11.07 27.47
CA GLU D 131 -10.88 9.60 27.34
C GLU D 131 -12.21 9.19 27.99
N ASP E 3 23.42 1.06 -6.86
CA ASP E 3 22.15 1.83 -6.97
C ASP E 3 21.07 1.02 -7.71
N PHE E 4 20.05 0.61 -6.98
CA PHE E 4 18.80 -0.05 -7.45
C PHE E 4 17.90 0.89 -8.26
N ASP E 5 18.13 2.20 -8.25
CA ASP E 5 17.28 3.15 -9.03
C ASP E 5 17.61 3.01 -10.54
N SER E 6 18.85 2.67 -10.88
CA SER E 6 19.30 2.37 -12.27
C SER E 6 18.69 1.06 -12.83
N LEU E 7 17.98 0.26 -12.01
CA LEU E 7 17.24 -0.94 -12.48
C LEU E 7 15.80 -0.53 -12.86
N SER E 8 15.43 0.74 -12.67
CA SER E 8 14.09 1.30 -12.98
C SER E 8 13.64 0.79 -14.36
N GLY E 9 12.49 0.08 -14.43
CA GLY E 9 11.91 -0.52 -15.66
C GLY E 9 12.76 -1.63 -16.31
N THR E 10 13.76 -2.19 -15.63
CA THR E 10 14.52 -3.40 -16.09
C THR E 10 14.04 -4.63 -15.31
N SER E 11 14.33 -5.80 -15.88
CA SER E 11 14.22 -7.14 -15.23
C SER E 11 15.62 -7.77 -15.08
N THR E 12 16.03 -8.17 -13.88
CA THR E 12 17.41 -8.65 -13.64
C THR E 12 17.31 -9.94 -12.84
N THR E 13 18.28 -10.83 -13.01
CA THR E 13 18.27 -12.13 -12.33
C THR E 13 19.47 -12.22 -11.39
N TRP E 14 19.30 -12.83 -10.22
CA TRP E 14 20.35 -12.85 -9.20
C TRP E 14 20.37 -14.24 -8.63
N VAL E 15 21.57 -14.77 -8.38
CA VAL E 15 21.74 -16.15 -7.84
C VAL E 15 22.54 -16.09 -6.55
N ASN E 16 22.08 -16.80 -5.52
CA ASN E 16 22.74 -16.86 -4.21
C ASN E 16 23.68 -18.07 -4.20
N GLU E 17 24.45 -18.21 -3.12
CA GLU E 17 25.52 -19.23 -2.97
C GLU E 17 24.91 -20.64 -3.04
N LEU E 18 23.61 -20.84 -2.79
CA LEU E 18 22.99 -22.19 -2.78
C LEU E 18 22.31 -22.49 -4.12
N GLY E 19 22.54 -21.68 -5.16
CA GLY E 19 21.82 -21.80 -6.44
C GLY E 19 20.36 -21.27 -6.45
N SER E 20 19.79 -20.73 -5.37
CA SER E 20 18.44 -20.11 -5.44
C SER E 20 18.51 -18.88 -6.34
N VAL E 21 17.41 -18.61 -7.07
CA VAL E 21 17.35 -17.55 -8.10
C VAL E 21 16.20 -16.57 -7.75
N MET E 22 16.42 -15.28 -8.00
CA MET E 22 15.34 -14.29 -8.02
C MET E 22 15.45 -13.47 -9.29
N THR E 23 14.31 -13.24 -9.90
CA THR E 23 14.20 -12.32 -11.05
C THR E 23 13.26 -11.23 -10.59
N ILE E 24 13.73 -9.99 -10.68
CA ILE E 24 13.03 -8.81 -10.07
C ILE E 24 12.88 -7.78 -11.16
N ASP E 25 11.68 -7.20 -11.22
CA ASP E 25 11.34 -6.01 -12.02
C ASP E 25 11.25 -4.87 -11.01
N VAL E 26 12.04 -3.84 -11.22
CA VAL E 26 12.00 -2.60 -10.38
C VAL E 26 11.37 -1.50 -11.23
N ASP E 27 10.26 -0.94 -10.76
CA ASP E 27 9.51 0.09 -11.52
C ASP E 27 10.15 1.43 -11.16
N ARG E 28 9.62 2.52 -11.72
CA ARG E 28 10.19 3.88 -11.63
C ARG E 28 10.12 4.39 -10.18
N LYS E 29 9.18 3.91 -9.36
CA LYS E 29 9.03 4.28 -7.93
C LYS E 29 9.85 3.35 -7.01
N GLY E 30 10.57 2.36 -7.55
CA GLY E 30 11.31 1.40 -6.73
C GLY E 30 10.45 0.23 -6.22
N GLY E 31 9.22 0.06 -6.73
CA GLY E 31 8.41 -1.14 -6.45
C GLY E 31 9.09 -2.38 -7.04
N VAL E 32 9.27 -3.43 -6.22
CA VAL E 32 9.90 -4.71 -6.67
C VAL E 32 8.82 -5.80 -6.81
N THR E 33 8.71 -6.36 -8.00
CA THR E 33 7.91 -7.59 -8.28
C THR E 33 8.79 -8.62 -9.01
N GLY E 34 8.33 -9.85 -9.05
CA GLY E 34 8.99 -10.90 -9.83
C GLY E 34 8.81 -12.22 -9.15
N TYR E 35 9.80 -13.10 -9.20
CA TYR E 35 9.64 -14.44 -8.63
C TYR E 35 10.98 -14.93 -8.10
N TYR E 36 10.85 -15.91 -7.21
CA TYR E 36 11.97 -16.58 -6.54
C TYR E 36 11.83 -18.09 -6.82
N VAL E 37 12.94 -18.71 -7.20
CA VAL E 37 13.04 -20.18 -7.30
C VAL E 37 14.00 -20.64 -6.20
N ASN E 38 13.48 -21.36 -5.22
CA ASN E 38 14.24 -21.92 -4.08
C ASN E 38 14.98 -23.19 -4.54
N ASN E 39 16.31 -23.25 -4.37
CA ASN E 39 17.18 -24.44 -4.67
C ASN E 39 17.97 -24.85 -3.41
N ALA E 40 17.56 -24.43 -2.22
CA ALA E 40 18.30 -24.64 -0.96
C ALA E 40 18.20 -26.10 -0.49
N PRO E 41 19.33 -26.83 -0.38
CA PRO E 41 19.32 -28.17 0.19
C PRO E 41 18.56 -28.23 1.53
N GLY E 42 17.76 -29.27 1.74
CA GLY E 42 17.03 -29.51 3.00
C GLY E 42 15.72 -28.75 3.08
N THR E 43 15.26 -28.10 2.00
CA THR E 43 14.00 -27.31 2.04
C THR E 43 12.97 -27.89 1.06
N GLY E 44 11.68 -27.78 1.40
CA GLY E 44 10.55 -27.94 0.47
C GLY E 44 10.43 -26.79 -0.51
N CYS E 45 9.34 -26.78 -1.29
CA CYS E 45 8.97 -25.68 -2.23
C CYS E 45 10.19 -25.29 -3.07
N ARG E 46 10.85 -26.29 -3.64
CA ARG E 46 12.06 -26.17 -4.48
C ARG E 46 11.67 -26.24 -5.96
N GLY E 47 12.37 -25.49 -6.81
CA GLY E 47 12.44 -25.70 -8.26
C GLY E 47 11.36 -25.00 -9.07
N LEU E 48 10.39 -24.34 -8.42
CA LEU E 48 9.28 -23.64 -9.13
C LEU E 48 9.16 -22.20 -8.64
N PRO E 49 8.73 -21.27 -9.51
CA PRO E 49 8.58 -19.87 -9.12
C PRO E 49 7.56 -19.65 -7.99
N TYR E 50 7.97 -18.85 -7.00
CA TYR E 50 7.09 -18.21 -5.98
C TYR E 50 7.13 -16.69 -6.18
N ASP E 51 5.97 -16.05 -6.08
CA ASP E 51 5.83 -14.58 -6.17
C ASP E 51 6.73 -13.92 -5.12
N LEU E 52 7.44 -12.89 -5.54
CA LEU E 52 8.32 -12.04 -4.72
C LEU E 52 7.82 -10.60 -4.83
N SER E 53 7.77 -9.83 -3.75
CA SER E 53 7.52 -8.36 -3.85
C SER E 53 8.29 -7.61 -2.79
N GLY E 54 8.61 -6.35 -3.05
CA GLY E 54 9.17 -5.45 -2.02
C GLY E 54 9.46 -4.11 -2.62
N HIS E 55 10.58 -3.53 -2.29
CA HIS E 55 10.88 -2.12 -2.64
C HIS E 55 12.38 -1.94 -2.52
N ALA E 56 12.92 -1.10 -3.38
CA ALA E 56 14.33 -0.74 -3.45
C ALA E 56 14.43 0.78 -3.55
N HIS E 57 15.50 1.34 -2.99
CA HIS E 57 15.80 2.79 -3.00
C HIS E 57 17.30 2.94 -2.70
N GLY E 58 17.99 3.71 -3.52
CA GLY E 58 19.44 3.84 -3.45
C GLY E 58 20.08 2.47 -3.49
N SER E 59 20.72 2.08 -2.38
CA SER E 59 21.64 0.94 -2.28
C SER E 59 20.98 -0.18 -1.50
N THR E 60 19.72 -0.02 -1.09
CA THR E 60 19.07 -0.97 -0.16
C THR E 60 17.79 -1.54 -0.78
N ILE E 61 17.41 -2.71 -0.33
CA ILE E 61 16.27 -3.43 -0.94
C ILE E 61 15.71 -4.28 0.16
N ALA E 62 14.40 -4.46 0.11
CA ALA E 62 13.71 -5.42 0.98
C ALA E 62 12.65 -6.15 0.15
N PHE E 63 12.44 -7.43 0.44
CA PHE E 63 11.50 -8.24 -0.34
C PHE E 63 11.16 -9.47 0.46
N SER E 64 10.04 -10.04 0.08
CA SER E 64 9.52 -11.17 0.82
C SER E 64 8.89 -12.16 -0.17
N VAL E 65 8.84 -13.41 0.25
CA VAL E 65 8.23 -14.52 -0.51
C VAL E 65 7.45 -15.27 0.51
N VAL E 66 6.18 -15.51 0.20
CA VAL E 66 5.35 -16.50 0.94
C VAL E 66 5.36 -17.82 0.16
N TRP E 67 5.55 -18.94 0.88
CA TRP E 67 5.91 -20.24 0.24
C TRP E 67 4.63 -20.98 -0.10
N SER E 68 3.74 -20.33 -0.84
CA SER E 68 2.48 -20.94 -1.35
C SER E 68 2.27 -20.41 -2.77
N ASN E 69 2.17 -21.28 -3.77
CA ASN E 69 2.06 -20.83 -5.18
C ASN E 69 0.91 -21.58 -5.85
N GLY E 70 0.06 -22.31 -5.13
CA GLY E 70 -1.00 -23.16 -5.73
C GLY E 70 -0.50 -24.56 -6.10
N ILE E 71 0.80 -24.82 -5.90
CA ILE E 71 1.46 -26.06 -6.36
C ILE E 71 2.07 -26.78 -5.15
N ALA E 72 3.02 -26.15 -4.45
CA ALA E 72 3.49 -26.62 -3.12
C ALA E 72 3.44 -25.45 -2.13
N ASP E 73 2.76 -25.70 -1.02
CA ASP E 73 2.56 -24.78 0.12
C ASP E 73 3.40 -25.26 1.31
N CYS E 74 4.47 -24.56 1.66
CA CYS E 74 5.30 -24.90 2.84
C CYS E 74 4.85 -24.10 4.09
N ARG E 75 3.76 -23.32 4.01
CA ARG E 75 3.12 -22.63 5.18
C ARG E 75 4.19 -21.87 5.95
N SER E 76 5.03 -21.16 5.20
CA SER E 76 6.23 -20.45 5.67
C SER E 76 6.33 -19.11 4.95
N ALA E 77 7.10 -18.19 5.50
CA ALA E 77 7.30 -16.86 4.92
C ALA E 77 8.76 -16.48 5.14
N THR E 78 9.41 -16.01 4.08
CA THR E 78 10.76 -15.46 4.16
C THR E 78 10.71 -13.99 3.78
N SER E 79 11.49 -13.17 4.47
CA SER E 79 11.75 -11.77 4.06
C SER E 79 13.25 -11.54 4.10
N TRP E 80 13.72 -10.70 3.20
CA TRP E 80 15.14 -10.34 3.00
C TRP E 80 15.27 -8.82 3.12
N ALA E 81 16.42 -8.36 3.61
CA ALA E 81 16.86 -6.98 3.40
C ALA E 81 18.31 -7.02 3.01
N GLY E 82 18.75 -6.11 2.16
CA GLY E 82 20.17 -6.10 1.81
C GLY E 82 20.58 -4.82 1.17
N TYR E 83 21.87 -4.75 0.86
CA TYR E 83 22.49 -3.63 0.15
C TYR E 83 23.20 -4.19 -1.08
N ALA E 84 23.29 -3.38 -2.14
CA ALA E 84 24.13 -3.64 -3.33
C ALA E 84 25.58 -3.32 -2.99
N ARG E 85 26.53 -4.10 -3.53
CA ARG E 85 27.99 -3.77 -3.58
C ARG E 85 28.54 -4.19 -4.94
N LYS E 86 29.47 -3.40 -5.52
CA LYS E 86 30.19 -3.73 -6.78
C LYS E 86 31.32 -4.71 -6.44
N THR E 87 31.73 -5.56 -7.39
CA THR E 87 32.79 -6.60 -7.19
C THR E 87 33.86 -6.42 -8.26
N PHE E 88 35.01 -7.11 -8.08
CA PHE E 88 36.22 -6.91 -8.91
C PHE E 88 35.84 -7.05 -10.40
N GLY E 89 36.22 -6.06 -11.21
CA GLY E 89 36.05 -6.03 -12.67
C GLY E 89 34.60 -6.12 -13.11
N GLY E 90 33.73 -5.22 -12.62
CA GLY E 90 32.43 -4.88 -13.25
C GLY E 90 31.20 -5.59 -12.68
N GLY E 91 31.35 -6.59 -11.79
CA GLY E 91 30.24 -7.37 -11.22
C GLY E 91 29.39 -6.58 -10.22
N VAL E 92 28.28 -7.15 -9.74
CA VAL E 92 27.34 -6.55 -8.76
C VAL E 92 26.67 -7.67 -7.95
N GLN E 93 26.51 -7.46 -6.64
CA GLN E 93 25.88 -8.44 -5.72
C GLN E 93 24.90 -7.71 -4.82
N ILE E 94 24.02 -8.46 -4.16
CA ILE E 94 23.15 -7.99 -3.07
C ILE E 94 23.47 -8.84 -1.86
N VAL E 95 23.94 -8.21 -0.79
CA VAL E 95 24.24 -8.92 0.49
C VAL E 95 22.96 -8.86 1.29
N THR E 96 22.44 -9.98 1.76
CA THR E 96 21.11 -9.96 2.39
C THR E 96 21.18 -10.73 3.69
N GLN E 97 20.26 -10.39 4.57
CA GLN E 97 19.89 -11.14 5.79
C GLN E 97 18.44 -11.54 5.56
N TRP E 98 18.11 -12.78 5.84
CA TRP E 98 16.72 -13.22 5.75
C TRP E 98 16.27 -13.68 7.11
N SER E 99 14.96 -13.70 7.24
CA SER E 99 14.23 -14.28 8.38
C SER E 99 13.18 -15.21 7.78
N LEU E 100 13.03 -16.39 8.36
CA LEU E 100 12.05 -17.39 7.93
C LEU E 100 11.14 -17.68 9.12
N ALA E 101 9.83 -17.63 8.90
CA ALA E 101 8.84 -17.93 9.92
C ALA E 101 8.09 -19.17 9.47
N PHE E 102 7.80 -20.08 10.40
CA PHE E 102 6.91 -21.25 10.16
C PHE E 102 6.32 -21.77 11.48
N VAL E 103 5.45 -22.75 11.36
CA VAL E 103 4.74 -23.40 12.49
C VAL E 103 5.16 -24.88 12.56
N GLY E 104 6.14 -25.17 13.43
CA GLY E 104 6.53 -26.54 13.82
C GLY E 104 5.51 -27.16 14.77
N LYS E 105 5.60 -28.48 14.96
CA LYS E 105 4.84 -29.22 16.00
C LYS E 105 4.97 -28.47 17.32
N ALA E 106 6.14 -27.88 17.59
CA ALA E 106 6.50 -27.10 18.81
C ALA E 106 6.14 -25.61 18.65
N GLY E 107 5.00 -25.29 18.03
CA GLY E 107 4.52 -23.91 17.77
C GLY E 107 5.40 -23.13 16.79
N GLY E 108 5.22 -21.82 16.76
CA GLY E 108 5.94 -20.91 15.85
C GLY E 108 7.43 -20.99 16.07
N LYS E 109 8.22 -20.76 15.05
CA LYS E 109 9.70 -20.63 15.11
C LYS E 109 10.13 -19.65 14.05
N ILE E 110 11.31 -19.09 14.22
CA ILE E 110 11.89 -18.15 13.24
C ILE E 110 13.39 -18.42 13.18
N GLU E 111 13.97 -18.40 11.97
CA GLU E 111 15.42 -18.62 11.75
C GLU E 111 15.92 -17.46 10.91
N THR E 112 17.22 -17.21 10.93
CA THR E 112 17.84 -16.13 10.12
C THR E 112 19.13 -16.63 9.52
N GLY E 113 19.66 -15.93 8.54
CA GLY E 113 20.93 -16.29 7.88
C GLY E 113 21.25 -15.25 6.84
N GLN E 114 22.44 -15.32 6.24
CA GLN E 114 22.90 -14.43 5.14
C GLN E 114 22.73 -15.20 3.83
N ASN E 115 22.51 -14.47 2.75
CA ASN E 115 22.64 -14.96 1.36
C ASN E 115 23.35 -13.83 0.62
N VAL E 116 24.29 -14.13 -0.24
CA VAL E 116 24.78 -13.12 -1.21
C VAL E 116 24.27 -13.54 -2.58
N PHE E 117 23.55 -12.64 -3.26
CA PHE E 117 22.94 -12.83 -4.59
C PHE E 117 23.84 -12.11 -5.58
N THR E 118 24.26 -12.82 -6.62
CA THR E 118 25.16 -12.28 -7.67
C THR E 118 24.32 -12.08 -8.94
N TYR E 119 24.34 -10.89 -9.49
CA TYR E 119 23.75 -10.57 -10.81
C TYR E 119 24.30 -11.58 -11.82
N GLN E 120 23.40 -12.25 -12.56
CA GLN E 120 23.67 -13.17 -13.69
C GLN E 120 23.24 -12.42 -14.95
N ALA E 121 24.20 -11.99 -15.78
CA ALA E 121 23.90 -11.41 -17.13
C ALA E 121 23.09 -12.43 -17.95
N ALA E 122 22.22 -11.98 -18.85
CA ALA E 122 21.47 -12.83 -19.80
C ALA E 122 22.49 -13.62 -20.62
N THR E 123 22.27 -14.91 -20.83
CA THR E 123 23.20 -15.77 -21.63
C THR E 123 22.51 -16.11 -22.95
N VAL E 124 23.32 -16.45 -23.95
CA VAL E 124 22.86 -16.92 -25.28
C VAL E 124 23.73 -18.13 -25.59
N SER E 125 23.13 -19.27 -25.88
CA SER E 125 23.77 -20.54 -26.26
C SER E 125 23.49 -20.75 -27.74
N GLU E 126 24.27 -21.63 -28.38
CA GLU E 126 24.10 -22.02 -29.81
C GLU E 126 22.74 -22.73 -30.00
N SER E 127 22.41 -23.71 -29.17
CA SER E 127 21.10 -24.41 -29.22
C SER E 127 20.68 -24.89 -27.81
N LEU E 128 19.50 -25.51 -27.70
CA LEU E 128 19.04 -26.18 -26.46
C LEU E 128 20.00 -27.35 -26.17
N LEU E 129 20.70 -27.92 -27.18
CA LEU E 129 21.59 -29.13 -27.05
C LEU E 129 23.06 -28.76 -26.79
N THR E 130 23.56 -27.60 -27.26
CA THR E 130 25.00 -27.24 -27.24
C THR E 130 25.16 -25.78 -26.75
N GLU E 131 26.04 -25.60 -25.76
CA GLU E 131 26.51 -24.26 -25.33
C GLU E 131 27.25 -23.58 -26.49
#